data_4XL8
#
_entry.id   4XL8
#
_cell.length_a   63.770
_cell.length_b   81.610
_cell.length_c   92.650
_cell.angle_alpha   90.000
_cell.angle_beta   90.000
_cell.angle_gamma   90.000
#
_symmetry.space_group_name_H-M   'P 21 21 21'
#
loop_
_entity.id
_entity.type
_entity.pdbx_description
1 polymer Fiber-1
2 non-polymer '2-O-methyl-5-N-acetyl-alpha-D-neuraminic acid'
3 non-polymer GLYCEROL
4 non-polymer TRIS(HYDROXYETHYL)AMINOMETHANE
5 non-polymer 'GLUTAMIC ACID'
6 non-polymer ALANINE
7 non-polymer (4S)-2-METHYL-2,4-PENTANEDIOL
8 non-polymer (4R)-2-METHYLPENTANE-2,4-DIOL
9 water water
#
_entity_poly.entity_id   1
_entity_poly.type   'polypeptide(L)'
_entity_poly.pdbx_seq_one_letter_code
;MRGSHHHHHHGSGSGSGIEGRPYNGTGSRFNSSGAIAFGIQTLWTPPTSNPNCTVYTESDSLLSLCLTKCGAHVLGSVSL
TGVAGTMTNMAETSLAIEFTFDDTGKLLHSPLVNNTFSIRQGDSPASNPTYNALAFMPNSTLYARGGSGEPRNNYYVQTY
LRGNVQRPITLTVTFNSAATGYSLSFKWTAVVREKFAAPATSFCYITEQ
;
_entity_poly.pdbx_strand_id   A,B,C
#
loop_
_chem_comp.id
_chem_comp.type
_chem_comp.name
_chem_comp.formula
GOL non-polymer GLYCEROL 'C3 H8 O3'
MNA D-saccharide '2-O-methyl-5-N-acetyl-alpha-D-neuraminic acid' 'C12 H21 N O9'
MPD non-polymer (4S)-2-METHYL-2,4-PENTANEDIOL 'C6 H14 O2'
MRD non-polymer (4R)-2-METHYLPENTANE-2,4-DIOL 'C6 H14 O2'
TAM non-polymer TRIS(HYDROXYETHYL)AMINOMETHANE 'C7 H17 N O3'
#
# COMPACT_ATOMS: atom_id res chain seq x y z
N GLY A 39 18.82 -11.13 -9.48
CA GLY A 39 18.59 -9.82 -10.07
C GLY A 39 17.17 -9.61 -10.59
N ILE A 40 16.46 -10.69 -10.89
CA ILE A 40 15.09 -10.57 -11.40
C ILE A 40 14.11 -10.36 -10.24
N GLN A 41 13.55 -9.17 -10.15
CA GLN A 41 12.66 -8.86 -9.05
C GLN A 41 11.35 -8.35 -9.56
N THR A 42 11.26 -8.15 -10.86
CA THR A 42 10.12 -7.46 -11.45
C THR A 42 9.51 -8.24 -12.61
N LEU A 43 8.18 -8.42 -12.58
CA LEU A 43 7.43 -8.87 -13.73
C LEU A 43 6.51 -7.72 -14.11
N TRP A 44 6.46 -7.33 -15.38
CA TRP A 44 5.63 -6.19 -15.69
C TRP A 44 5.16 -6.20 -17.13
N THR A 45 4.21 -5.33 -17.45
CA THR A 45 4.12 -4.92 -18.84
C THR A 45 4.87 -3.57 -18.91
N PRO A 46 5.71 -3.41 -19.94
CA PRO A 46 6.52 -2.19 -19.98
C PRO A 46 5.69 -0.91 -20.05
N PRO A 47 6.13 0.12 -19.33
CA PRO A 47 5.57 1.47 -19.46
C PRO A 47 5.56 1.88 -20.94
N THR A 48 4.43 2.44 -21.36
CA THR A 48 4.23 2.82 -22.74
C THR A 48 3.28 4.00 -22.74
N SER A 49 3.33 4.79 -23.80
CA SER A 49 2.32 5.84 -23.99
C SER A 49 1.24 5.42 -24.99
N ASN A 50 1.34 4.21 -25.56
CA ASN A 50 0.40 3.80 -26.57
C ASN A 50 -0.48 2.69 -26.03
N PRO A 51 -1.71 2.54 -26.57
CA PRO A 51 -2.57 1.46 -26.06
C PRO A 51 -1.92 0.10 -26.21
N ASN A 52 -2.10 -0.75 -25.20
CA ASN A 52 -1.43 -2.02 -25.14
C ASN A 52 -2.37 -3.11 -24.66
N CYS A 53 -3.66 -2.80 -24.59
CA CYS A 53 -4.62 -3.63 -23.87
C CYS A 53 -5.96 -3.68 -24.58
N THR A 54 -6.63 -4.82 -24.48
CA THR A 54 -7.89 -5.06 -25.16
C THR A 54 -8.93 -5.44 -24.12
N VAL A 55 -9.87 -4.54 -23.82
CA VAL A 55 -10.95 -4.86 -22.90
C VAL A 55 -12.18 -5.26 -23.71
N TYR A 56 -12.58 -4.39 -24.64
CA TYR A 56 -13.73 -4.64 -25.48
C TYR A 56 -13.32 -4.78 -26.93
N THR A 57 -12.47 -3.89 -27.41
CA THR A 57 -11.98 -4.01 -28.77
C THR A 57 -10.46 -3.85 -28.74
N GLU A 58 -9.81 -4.30 -29.81
CA GLU A 58 -8.35 -4.40 -29.78
C GLU A 58 -7.67 -3.06 -29.57
N SER A 59 -6.74 -3.04 -28.63
CA SER A 59 -5.93 -1.85 -28.30
C SER A 59 -6.81 -0.66 -27.90
N ASP A 60 -7.85 -0.92 -27.11
CA ASP A 60 -8.77 0.14 -26.68
C ASP A 60 -8.36 0.81 -25.37
N SER A 61 -7.25 0.35 -24.80
CA SER A 61 -6.88 0.83 -23.47
C SER A 61 -5.38 0.74 -23.20
N LEU A 62 -4.95 1.45 -22.17
CA LEU A 62 -3.55 1.47 -21.77
C LEU A 62 -3.51 0.93 -20.34
N LEU A 63 -2.96 -0.28 -20.19
CA LEU A 63 -2.82 -0.92 -18.88
C LEU A 63 -1.39 -0.77 -18.35
N SER A 64 -1.24 -0.41 -17.07
CA SER A 64 0.05 -0.62 -16.42
C SER A 64 -0.16 -1.69 -15.36
N LEU A 65 0.72 -2.70 -15.35
CA LEU A 65 0.71 -3.67 -14.26
C LEU A 65 2.14 -4.02 -13.98
N CYS A 66 2.58 -3.89 -12.72
CA CYS A 66 3.95 -4.21 -12.36
C CYS A 66 3.95 -4.95 -11.03
N LEU A 67 4.66 -6.08 -10.97
CA LEU A 67 4.72 -6.91 -9.75
C LEU A 67 6.17 -6.99 -9.32
N THR A 68 6.49 -6.56 -8.11
CA THR A 68 7.90 -6.65 -7.68
C THR A 68 7.97 -7.46 -6.40
N LYS A 69 8.97 -8.32 -6.33
CA LYS A 69 9.11 -9.23 -5.22
C LYS A 69 9.89 -8.66 -4.04
N CYS A 70 9.30 -8.77 -2.85
CA CYS A 70 10.04 -8.38 -1.66
C CYS A 70 9.82 -9.44 -0.63
N GLY A 71 10.76 -10.38 -0.53
CA GLY A 71 10.58 -11.51 0.36
C GLY A 71 9.32 -12.27 -0.03
N ALA A 72 8.53 -12.64 0.97
CA ALA A 72 7.30 -13.40 0.72
C ALA A 72 6.18 -12.54 0.16
N HIS A 73 6.46 -11.27 -0.14
CA HIS A 73 5.43 -10.39 -0.72
C HIS A 73 5.68 -10.07 -2.18
N VAL A 74 4.59 -9.91 -2.91
CA VAL A 74 4.61 -9.10 -4.12
C VAL A 74 3.94 -7.76 -3.84
N LEU A 75 4.63 -6.70 -4.23
CA LEU A 75 4.07 -5.35 -4.28
C LEU A 75 3.61 -5.13 -5.70
N GLY A 76 2.33 -4.86 -5.87
CA GLY A 76 1.80 -4.69 -7.21
C GLY A 76 1.30 -3.28 -7.45
N SER A 77 1.47 -2.77 -8.66
CA SER A 77 0.82 -1.53 -9.04
C SER A 77 0.01 -1.74 -10.31
N VAL A 78 -1.09 -1.00 -10.42
CA VAL A 78 -1.94 -1.16 -11.60
C VAL A 78 -2.65 0.17 -11.87
N SER A 79 -2.86 0.47 -13.15
CA SER A 79 -3.78 1.49 -13.56
C SER A 79 -4.29 1.12 -14.95
N LEU A 80 -5.43 1.70 -15.32
CA LEU A 80 -6.03 1.35 -16.61
C LEU A 80 -6.74 2.56 -17.16
N THR A 81 -6.32 2.95 -18.36
CA THR A 81 -6.81 4.16 -19.02
C THR A 81 -7.53 3.78 -20.33
N GLY A 82 -8.80 4.15 -20.48
CA GLY A 82 -9.50 3.91 -21.75
C GLY A 82 -8.93 4.85 -22.82
N VAL A 83 -8.84 4.36 -24.05
CA VAL A 83 -8.29 5.14 -25.16
C VAL A 83 -9.30 5.27 -26.32
N ALA A 84 -10.05 4.21 -26.60
CA ALA A 84 -10.98 4.22 -27.74
C ALA A 84 -12.23 3.39 -27.48
N GLY A 85 -13.28 3.64 -28.27
CA GLY A 85 -14.46 2.80 -28.27
C GLY A 85 -15.23 2.86 -26.97
N THR A 86 -15.80 1.73 -26.56
CA THR A 86 -16.62 1.65 -25.35
C THR A 86 -15.87 2.11 -24.09
N MET A 87 -14.55 1.93 -24.07
CA MET A 87 -13.76 2.43 -22.94
C MET A 87 -13.87 3.95 -22.77
N THR A 88 -14.29 4.66 -23.82
CA THR A 88 -14.47 6.12 -23.70
C THR A 88 -15.94 6.51 -23.54
N ASN A 89 -16.82 5.51 -23.45
CA ASN A 89 -18.25 5.77 -23.40
C ASN A 89 -18.93 4.49 -22.88
N MET A 90 -18.78 4.28 -21.57
CA MET A 90 -19.01 2.94 -21.01
C MET A 90 -20.47 2.48 -21.10
N ALA A 91 -20.67 1.19 -21.34
CA ALA A 91 -22.00 0.60 -21.38
C ALA A 91 -22.37 -0.12 -20.08
N GLU A 92 -21.35 -0.47 -19.31
CA GLU A 92 -21.59 -1.23 -18.09
C GLU A 92 -21.00 -0.52 -16.90
N THR A 93 -21.44 -0.96 -15.72
CA THR A 93 -21.08 -0.32 -14.47
C THR A 93 -19.89 -0.99 -13.76
N SER A 94 -19.23 -1.93 -14.42
CA SER A 94 -17.98 -2.45 -13.91
C SER A 94 -17.20 -2.99 -15.09
N LEU A 95 -15.90 -3.17 -14.87
CA LEU A 95 -15.00 -3.64 -15.92
C LEU A 95 -14.05 -4.59 -15.21
N ALA A 96 -13.83 -5.77 -15.79
CA ALA A 96 -12.89 -6.70 -15.16
C ALA A 96 -11.90 -7.26 -16.16
N ILE A 97 -10.65 -7.42 -15.73
CA ILE A 97 -9.67 -8.13 -16.56
C ILE A 97 -9.02 -9.18 -15.69
N GLU A 98 -8.39 -10.17 -16.30
CA GLU A 98 -7.79 -11.22 -15.49
C GLU A 98 -6.50 -11.71 -16.15
N PHE A 99 -5.51 -11.99 -15.30
CA PHE A 99 -4.28 -12.64 -15.74
C PHE A 99 -4.29 -14.06 -15.17
N THR A 100 -4.25 -15.08 -16.02
CA THR A 100 -4.21 -16.45 -15.53
C THR A 100 -2.88 -17.09 -15.85
N PHE A 101 -2.45 -17.99 -14.96
CA PHE A 101 -1.16 -18.63 -15.05
C PHE A 101 -1.38 -20.11 -14.81
N ASP A 102 -0.51 -20.92 -15.37
CA ASP A 102 -0.57 -22.36 -15.08
C ASP A 102 0.10 -22.69 -13.76
N ASP A 103 0.23 -23.98 -13.45
CA ASP A 103 0.69 -24.36 -12.10
C ASP A 103 2.20 -24.18 -11.93
N THR A 104 2.89 -23.79 -13.00
CA THR A 104 4.30 -23.42 -12.90
C THR A 104 4.51 -21.90 -12.86
N GLY A 105 3.42 -21.13 -12.95
CA GLY A 105 3.55 -19.69 -12.97
C GLY A 105 3.71 -19.09 -14.36
N LYS A 106 3.55 -19.91 -15.39
CA LYS A 106 3.64 -19.39 -16.75
C LYS A 106 2.29 -18.78 -17.16
N LEU A 107 2.35 -17.58 -17.76
CA LEU A 107 1.16 -16.89 -18.21
C LEU A 107 0.36 -17.66 -19.24
N LEU A 108 -0.94 -17.77 -19.03
CA LEU A 108 -1.82 -18.44 -19.96
C LEU A 108 -2.65 -17.43 -20.76
N HIS A 109 -3.29 -16.51 -20.05
CA HIS A 109 -4.10 -15.48 -20.71
C HIS A 109 -4.01 -14.15 -19.99
N SER A 110 -4.12 -13.08 -20.77
CA SER A 110 -4.17 -11.72 -20.23
C SER A 110 -4.87 -10.86 -21.28
N PRO A 111 -5.28 -9.65 -20.89
CA PRO A 111 -5.91 -8.74 -21.86
C PRO A 111 -4.87 -7.98 -22.71
N LEU A 112 -3.59 -8.21 -22.49
CA LEU A 112 -2.54 -7.45 -23.20
C LEU A 112 -2.44 -7.88 -24.67
N VAL A 113 -2.31 -6.90 -25.57
CA VAL A 113 -2.07 -7.17 -26.99
C VAL A 113 -0.74 -7.92 -27.02
N ASN A 114 -0.72 -9.12 -27.60
CA ASN A 114 0.50 -9.94 -27.64
C ASN A 114 1.01 -10.46 -26.28
N ASN A 115 0.17 -10.38 -25.23
CA ASN A 115 0.53 -10.87 -23.90
C ASN A 115 1.89 -10.41 -23.38
N THR A 116 2.19 -9.12 -23.58
CA THR A 116 3.48 -8.54 -23.23
C THR A 116 3.67 -8.41 -21.71
N PHE A 117 3.64 -9.51 -20.99
CA PHE A 117 3.85 -9.48 -19.56
C PHE A 117 4.99 -10.41 -19.21
N SER A 118 6.14 -9.86 -18.80
CA SER A 118 7.31 -10.69 -18.56
C SER A 118 8.33 -10.00 -17.65
N ILE A 119 9.53 -10.57 -17.55
CA ILE A 119 10.59 -9.95 -16.76
C ILE A 119 11.04 -8.60 -17.33
N ARG A 120 11.42 -7.69 -16.45
CA ARG A 120 11.94 -6.39 -16.87
C ARG A 120 13.32 -6.54 -17.51
N GLN A 121 13.47 -5.96 -18.70
CA GLN A 121 14.71 -6.05 -19.48
C GLN A 121 15.85 -5.33 -18.75
N GLY A 122 17.03 -5.94 -18.73
CA GLY A 122 18.18 -5.28 -18.13
C GLY A 122 18.41 -5.63 -16.67
N ASP A 123 17.50 -6.43 -16.09
CA ASP A 123 17.68 -6.91 -14.71
C ASP A 123 18.62 -8.12 -14.60
N SER A 124 19.03 -8.63 -15.76
CA SER A 124 20.03 -9.67 -15.81
C SER A 124 20.85 -9.44 -17.08
N PRO A 125 22.17 -9.70 -17.00
CA PRO A 125 23.09 -9.58 -18.14
C PRO A 125 23.03 -10.81 -19.03
N ALA A 126 22.40 -11.88 -18.54
CA ALA A 126 22.27 -13.12 -19.29
C ALA A 126 21.16 -13.03 -20.32
N SER A 127 21.38 -13.60 -21.50
CA SER A 127 20.28 -13.81 -22.42
C SER A 127 19.33 -14.81 -21.79
N ASN A 128 18.03 -14.62 -22.02
CA ASN A 128 17.02 -15.55 -21.56
C ASN A 128 17.14 -15.87 -20.08
N PRO A 129 17.20 -14.82 -19.24
CA PRO A 129 17.39 -15.12 -17.82
C PRO A 129 16.23 -15.92 -17.23
N THR A 130 16.57 -16.83 -16.33
CA THR A 130 15.58 -17.69 -15.70
C THR A 130 15.14 -17.12 -14.36
N TYR A 131 13.97 -17.54 -13.89
CA TYR A 131 13.50 -17.08 -12.60
C TYR A 131 12.44 -18.05 -12.13
N ASN A 132 12.10 -17.99 -10.86
CA ASN A 132 11.08 -18.88 -10.32
C ASN A 132 9.77 -18.14 -10.36
N ALA A 133 8.93 -18.50 -11.32
CA ALA A 133 7.67 -17.78 -11.50
C ALA A 133 6.75 -17.96 -10.29
N LEU A 134 6.88 -19.09 -9.59
CA LEU A 134 6.03 -19.29 -8.39
C LEU A 134 6.34 -18.29 -7.32
N ALA A 135 7.53 -17.68 -7.39
CA ALA A 135 7.91 -16.67 -6.39
C ALA A 135 7.10 -15.39 -6.59
N PHE A 136 6.38 -15.33 -7.70
CA PHE A 136 5.50 -14.20 -8.00
C PHE A 136 4.01 -14.55 -7.92
N MET A 137 3.68 -15.81 -7.67
CA MET A 137 2.26 -16.24 -7.73
C MET A 137 1.63 -16.08 -6.36
N PRO A 138 0.33 -15.80 -6.31
CA PRO A 138 -0.31 -15.64 -4.99
C PRO A 138 -0.36 -16.99 -4.29
N ASN A 139 -0.02 -16.98 -3.02
CA ASN A 139 0.07 -18.20 -2.23
C ASN A 139 -1.26 -18.99 -2.28
N SER A 140 -1.16 -20.26 -2.66
CA SER A 140 -2.37 -21.05 -2.86
C SER A 140 -2.91 -21.70 -1.60
N THR A 141 -2.15 -21.65 -0.51
CA THR A 141 -2.66 -22.07 0.79
C THR A 141 -3.52 -20.99 1.42
N LEU A 142 -3.01 -19.77 1.45
CA LEU A 142 -3.77 -18.63 1.98
C LEU A 142 -4.91 -18.21 1.04
N TYR A 143 -4.64 -18.15 -0.27
CA TYR A 143 -5.66 -17.75 -1.25
C TYR A 143 -5.99 -18.99 -2.04
N ALA A 144 -6.95 -19.76 -1.55
CA ALA A 144 -7.26 -21.06 -2.15
C ALA A 144 -7.84 -20.89 -3.55
N ARG A 145 -7.53 -21.82 -4.45
CA ARG A 145 -8.07 -21.77 -5.83
C ARG A 145 -9.59 -21.84 -5.82
N GLY A 146 -10.19 -21.06 -6.70
CA GLY A 146 -11.63 -20.98 -6.79
C GLY A 146 -12.20 -20.23 -5.60
N GLY A 147 -11.34 -19.46 -4.92
CA GLY A 147 -11.77 -18.84 -3.67
C GLY A 147 -12.17 -17.38 -3.79
N SER A 148 -12.69 -16.96 -4.94
CA SER A 148 -13.09 -15.55 -5.06
C SER A 148 -14.16 -15.12 -4.05
N GLY A 149 -14.96 -16.06 -3.54
CA GLY A 149 -15.99 -15.73 -2.58
C GLY A 149 -15.46 -15.62 -1.15
N GLU A 150 -14.19 -15.95 -0.95
CA GLU A 150 -13.59 -15.89 0.38
C GLU A 150 -13.01 -14.50 0.58
N PRO A 151 -13.37 -13.83 1.68
CA PRO A 151 -12.86 -12.47 1.88
C PRO A 151 -11.34 -12.35 1.82
N ARG A 152 -10.60 -13.34 2.34
CA ARG A 152 -9.14 -13.15 2.38
C ARG A 152 -8.46 -13.28 1.02
N ASN A 153 -9.20 -13.74 0.02
CA ASN A 153 -8.69 -13.77 -1.37
C ASN A 153 -8.88 -12.43 -2.10
N ASN A 154 -9.48 -11.44 -1.43
CA ASN A 154 -9.81 -10.16 -2.08
C ASN A 154 -9.14 -8.99 -1.37
N TYR A 155 -8.61 -8.06 -2.16
CA TYR A 155 -7.95 -6.87 -1.67
C TYR A 155 -8.70 -5.67 -2.29
N TYR A 156 -9.24 -4.79 -1.45
CA TYR A 156 -10.06 -3.70 -1.96
C TYR A 156 -9.29 -2.39 -1.93
N VAL A 157 -9.40 -1.63 -3.02
CA VAL A 157 -8.76 -0.33 -3.16
C VAL A 157 -9.80 0.70 -3.50
N GLN A 158 -9.74 1.84 -2.84
N GLN A 158 -9.77 1.82 -2.80
CA GLN A 158 -10.65 2.95 -3.16
CA GLN A 158 -10.60 2.95 -3.17
C GLN A 158 -9.91 4.02 -3.98
C GLN A 158 -9.80 3.86 -4.11
N THR A 159 -10.45 4.35 -5.15
CA THR A 159 -9.83 5.38 -5.99
C THR A 159 -10.93 6.22 -6.61
N TYR A 160 -10.61 7.02 -7.60
CA TYR A 160 -11.59 7.95 -8.16
C TYR A 160 -11.56 7.86 -9.64
N LEU A 161 -12.71 7.69 -10.25
CA LEU A 161 -12.77 7.61 -11.71
C LEU A 161 -12.20 8.88 -12.39
N ARG A 162 -11.19 8.68 -13.26
CA ARG A 162 -10.51 9.78 -13.93
C ARG A 162 -9.92 10.79 -12.94
N GLY A 163 -9.69 10.33 -11.72
CA GLY A 163 -9.18 11.19 -10.66
C GLY A 163 -10.18 12.26 -10.22
N ASN A 164 -11.44 12.10 -10.58
CA ASN A 164 -12.48 13.02 -10.15
CA ASN A 164 -12.45 13.05 -10.13
C ASN A 164 -12.95 12.63 -8.75
N VAL A 165 -12.67 13.46 -7.75
CA VAL A 165 -12.99 13.05 -6.38
C VAL A 165 -14.52 12.97 -6.11
N GLN A 166 -15.35 13.45 -7.04
CA GLN A 166 -16.79 13.19 -6.92
C GLN A 166 -17.25 11.86 -7.48
N ARG A 167 -16.32 11.05 -7.95
CA ARG A 167 -16.65 9.78 -8.60
C ARG A 167 -15.84 8.66 -7.96
N PRO A 168 -16.02 8.44 -6.65
CA PRO A 168 -15.29 7.31 -6.05
C PRO A 168 -15.67 5.98 -6.73
N ILE A 169 -14.66 5.15 -6.97
CA ILE A 169 -14.86 3.79 -7.45
C ILE A 169 -14.03 2.83 -6.62
N THR A 170 -14.39 1.56 -6.67
N THR A 170 -14.39 1.57 -6.68
CA THR A 170 -13.57 0.59 -5.99
CA THR A 170 -13.67 0.54 -5.94
C THR A 170 -12.91 -0.28 -7.02
C THR A 170 -12.99 -0.39 -6.92
N LEU A 171 -11.71 -0.67 -6.68
CA LEU A 171 -10.99 -1.71 -7.40
C LEU A 171 -10.97 -2.93 -6.47
N THR A 172 -11.40 -4.08 -6.97
CA THR A 172 -11.27 -5.34 -6.22
C THR A 172 -10.22 -6.15 -6.94
N VAL A 173 -9.14 -6.45 -6.22
CA VAL A 173 -8.11 -7.37 -6.74
C VAL A 173 -8.36 -8.72 -6.10
N THR A 174 -8.46 -9.77 -6.90
CA THR A 174 -8.77 -11.09 -6.37
C THR A 174 -7.62 -12.01 -6.68
N PHE A 175 -7.23 -12.80 -5.69
CA PHE A 175 -6.14 -13.79 -5.85
C PHE A 175 -6.70 -15.18 -6.02
N ASN A 176 -6.26 -15.83 -7.09
CA ASN A 176 -6.58 -17.23 -7.35
C ASN A 176 -8.08 -17.54 -7.46
N SER A 177 -8.80 -16.63 -8.11
CA SER A 177 -10.17 -16.91 -8.47
C SER A 177 -10.31 -18.14 -9.35
N ALA A 178 -9.33 -18.34 -10.24
CA ALA A 178 -9.34 -19.48 -11.14
C ALA A 178 -9.33 -20.82 -10.40
N ALA A 179 -10.05 -21.80 -10.92
CA ALA A 179 -10.17 -23.11 -10.27
C ALA A 179 -8.88 -23.90 -10.37
N THR A 180 -8.08 -23.61 -11.39
CA THR A 180 -6.77 -24.26 -11.54
C THR A 180 -5.68 -23.20 -11.74
N GLY A 181 -4.42 -23.59 -11.56
CA GLY A 181 -3.29 -22.68 -11.70
C GLY A 181 -3.38 -21.52 -10.73
N TYR A 182 -2.97 -20.33 -11.19
CA TYR A 182 -2.97 -19.13 -10.37
C TYR A 182 -3.62 -18.01 -11.14
N SER A 183 -4.13 -17.01 -10.44
CA SER A 183 -4.69 -15.87 -11.20
C SER A 183 -4.69 -14.57 -10.40
N LEU A 184 -4.69 -13.46 -11.12
CA LEU A 184 -4.84 -12.14 -10.53
C LEU A 184 -5.97 -11.52 -11.34
N SER A 185 -7.03 -11.14 -10.64
CA SER A 185 -8.22 -10.57 -11.31
C SER A 185 -8.38 -9.16 -10.82
N PHE A 186 -8.82 -8.28 -11.72
CA PHE A 186 -8.98 -6.87 -11.33
C PHE A 186 -10.35 -6.45 -11.75
N LYS A 187 -11.15 -5.94 -10.83
CA LYS A 187 -12.49 -5.48 -11.16
CA LYS A 187 -12.48 -5.46 -11.19
C LYS A 187 -12.66 -4.04 -10.68
N TRP A 188 -12.99 -3.12 -11.59
CA TRP A 188 -13.23 -1.75 -11.17
C TRP A 188 -14.69 -1.40 -11.39
N THR A 189 -15.29 -0.65 -10.47
CA THR A 189 -16.59 -0.10 -10.76
CA THR A 189 -16.59 -0.02 -10.70
C THR A 189 -16.39 1.07 -11.76
N ALA A 190 -17.44 1.37 -12.50
CA ALA A 190 -17.34 2.34 -13.58
C ALA A 190 -18.63 3.12 -13.66
N VAL A 191 -18.60 4.19 -14.44
CA VAL A 191 -19.78 5.01 -14.65
C VAL A 191 -20.24 4.95 -16.11
N VAL A 192 -21.48 4.54 -16.33
CA VAL A 192 -21.99 4.39 -17.69
C VAL A 192 -22.06 5.74 -18.40
N ARG A 193 -21.83 5.71 -19.71
CA ARG A 193 -21.93 6.90 -20.57
C ARG A 193 -20.83 7.93 -20.29
N GLU A 194 -19.77 7.47 -19.66
CA GLU A 194 -18.57 8.27 -19.45
C GLU A 194 -17.33 7.45 -19.81
N LYS A 195 -16.23 8.15 -20.03
CA LYS A 195 -14.94 7.48 -20.22
C LYS A 195 -14.49 6.75 -18.96
N PHE A 196 -13.86 5.59 -19.13
CA PHE A 196 -13.23 4.89 -18.03
C PHE A 196 -11.72 5.21 -17.95
N ALA A 197 -11.26 5.63 -16.77
CA ALA A 197 -9.82 5.65 -16.46
C ALA A 197 -9.67 5.49 -14.94
N ALA A 198 -8.84 4.54 -14.54
CA ALA A 198 -8.58 4.30 -13.13
C ALA A 198 -7.16 4.76 -12.86
N PRO A 199 -6.98 5.62 -11.84
CA PRO A 199 -5.65 6.17 -11.50
C PRO A 199 -4.70 5.12 -10.99
N ALA A 200 -3.46 5.55 -10.72
CA ALA A 200 -2.46 4.70 -10.09
C ALA A 200 -2.98 4.14 -8.76
N THR A 201 -2.82 2.83 -8.59
CA THR A 201 -3.20 2.14 -7.36
C THR A 201 -2.13 1.08 -7.08
N SER A 202 -2.21 0.49 -5.90
CA SER A 202 -1.28 -0.59 -5.58
CA SER A 202 -1.27 -0.56 -5.52
C SER A 202 -1.93 -1.57 -4.61
N PHE A 203 -1.31 -2.74 -4.47
CA PHE A 203 -1.85 -3.81 -3.63
C PHE A 203 -0.69 -4.73 -3.28
N CYS A 204 -0.92 -5.66 -2.37
CA CYS A 204 0.17 -6.52 -1.89
CA CYS A 204 0.15 -6.54 -1.92
C CYS A 204 -0.43 -7.88 -1.56
N TYR A 205 0.28 -8.95 -1.91
CA TYR A 205 -0.14 -10.29 -1.53
C TYR A 205 1.06 -11.16 -1.17
N ILE A 206 0.78 -12.23 -0.42
CA ILE A 206 1.81 -13.20 -0.07
C ILE A 206 1.99 -14.20 -1.21
N THR A 207 3.25 -14.56 -1.46
CA THR A 207 3.56 -15.43 -2.60
C THR A 207 3.58 -16.90 -2.28
N GLU A 208 3.51 -17.70 -3.33
CA GLU A 208 3.56 -19.16 -3.21
C GLU A 208 4.92 -19.64 -2.73
N GLN A 209 5.98 -19.10 -3.32
CA GLN A 209 7.34 -19.44 -2.93
C GLN A 209 8.20 -18.21 -2.70
N ILE B 40 22.31 1.00 -2.57
CA ILE B 40 21.44 2.04 -2.01
C ILE B 40 19.99 1.73 -2.24
N GLN B 41 19.23 1.60 -1.16
CA GLN B 41 17.88 1.13 -1.29
C GLN B 41 16.88 2.15 -0.78
N THR B 42 17.37 3.11 0.00
CA THR B 42 16.44 4.03 0.70
C THR B 42 16.85 5.47 0.52
N LEU B 43 15.88 6.31 0.14
CA LEU B 43 16.02 7.76 0.22
C LEU B 43 15.01 8.24 1.24
N TRP B 44 15.42 9.07 2.19
CA TRP B 44 14.45 9.46 3.20
C TRP B 44 14.77 10.81 3.84
N THR B 45 13.79 11.36 4.53
CA THR B 45 14.21 12.30 5.53
CA THR B 45 14.01 12.34 5.60
C THR B 45 14.30 11.50 6.84
N PRO B 46 15.45 11.66 7.51
CA PRO B 46 15.66 10.78 8.66
C PRO B 46 14.57 10.93 9.73
N PRO B 47 14.14 9.81 10.35
CA PRO B 47 13.17 9.87 11.44
C PRO B 47 13.59 10.86 12.50
N THR B 48 12.63 11.66 12.94
CA THR B 48 12.88 12.72 13.90
C THR B 48 11.60 12.94 14.70
N SER B 49 11.72 13.51 15.90
CA SER B 49 10.53 13.88 16.66
C SER B 49 10.35 15.40 16.73
N ASN B 50 11.28 16.16 16.17
N ASN B 50 11.31 16.13 16.16
CA ASN B 50 11.11 17.60 16.20
CA ASN B 50 11.28 17.60 16.16
C ASN B 50 10.94 18.10 14.79
C ASN B 50 11.02 18.13 14.76
N PRO B 51 10.30 19.27 14.65
CA PRO B 51 9.97 19.79 13.33
C PRO B 51 11.15 19.93 12.38
N ASN B 52 10.91 19.57 11.13
CA ASN B 52 11.94 19.50 10.13
C ASN B 52 11.47 20.07 8.78
N CYS B 53 10.31 20.73 8.81
CA CYS B 53 9.62 21.04 7.58
C CYS B 53 9.00 22.42 7.71
N THR B 54 8.92 23.11 6.59
CA THR B 54 8.37 24.46 6.54
C THR B 54 7.26 24.50 5.50
N VAL B 55 6.01 24.55 5.96
CA VAL B 55 4.88 24.68 5.04
C VAL B 55 4.50 26.14 4.92
N TYR B 56 4.27 26.80 6.06
CA TYR B 56 3.89 28.22 6.07
C TYR B 56 4.94 29.06 6.76
N THR B 57 5.50 28.56 7.86
CA THR B 57 6.55 29.27 8.58
CA THR B 57 6.57 29.27 8.56
C THR B 57 7.67 28.30 8.93
N GLU B 58 8.86 28.82 9.19
CA GLU B 58 10.00 27.93 9.44
C GLU B 58 9.76 26.90 10.55
N SER B 59 10.00 25.63 10.22
CA SER B 59 9.94 24.53 11.18
C SER B 59 8.58 24.43 11.86
N ASP B 60 7.52 24.55 11.07
CA ASP B 60 6.18 24.51 11.61
C ASP B 60 5.57 23.11 11.61
N SER B 61 6.31 22.13 11.13
CA SER B 61 5.74 20.81 10.94
C SER B 61 6.78 19.70 10.91
N LEU B 62 6.32 18.46 11.10
CA LEU B 62 7.19 17.30 11.09
C LEU B 62 6.74 16.44 9.93
N LEU B 63 7.57 16.39 8.90
CA LEU B 63 7.35 15.54 7.73
C LEU B 63 8.15 14.25 7.82
N SER B 64 7.50 13.15 7.52
CA SER B 64 8.23 11.90 7.27
CA SER B 64 8.21 11.91 7.27
C SER B 64 7.98 11.54 5.81
N LEU B 65 9.05 11.29 5.08
CA LEU B 65 8.96 10.84 3.71
C LEU B 65 10.10 9.84 3.52
N CYS B 66 9.75 8.62 3.12
CA CYS B 66 10.74 7.58 2.91
C CYS B 66 10.41 6.82 1.64
N LEU B 67 11.42 6.65 0.78
CA LEU B 67 11.25 5.96 -0.51
C LEU B 67 12.19 4.77 -0.54
N THR B 68 11.63 3.56 -0.68
CA THR B 68 12.51 2.40 -0.74
C THR B 68 12.32 1.65 -2.05
N LYS B 69 13.44 1.25 -2.66
CA LYS B 69 13.43 0.62 -3.99
C LYS B 69 13.21 -0.88 -3.92
N CYS B 70 12.24 -1.36 -4.66
CA CYS B 70 12.02 -2.80 -4.77
C CYS B 70 11.85 -3.12 -6.24
N GLY B 71 12.93 -3.52 -6.92
CA GLY B 71 12.84 -3.71 -8.35
C GLY B 71 12.43 -2.43 -9.07
N ALA B 72 11.47 -2.54 -9.98
CA ALA B 72 10.98 -1.38 -10.71
C ALA B 72 10.02 -0.51 -9.91
N HIS B 73 9.80 -0.84 -8.64
CA HIS B 73 8.93 -0.02 -7.80
C HIS B 73 9.70 0.80 -6.78
N VAL B 74 9.16 1.97 -6.45
CA VAL B 74 9.44 2.61 -5.17
C VAL B 74 8.21 2.44 -4.30
N LEU B 75 8.46 1.95 -3.08
CA LEU B 75 7.46 1.94 -2.02
C LEU B 75 7.70 3.20 -1.19
N GLY B 76 6.69 4.07 -1.13
CA GLY B 76 6.84 5.33 -0.41
C GLY B 76 5.97 5.41 0.82
N SER B 77 6.46 6.05 1.87
CA SER B 77 5.58 6.36 3.00
C SER B 77 5.68 7.83 3.28
N VAL B 78 4.57 8.41 3.77
CA VAL B 78 4.56 9.82 4.11
C VAL B 78 3.57 10.09 5.25
N SER B 79 3.91 11.07 6.10
CA SER B 79 2.98 11.66 7.05
C SER B 79 3.45 13.09 7.30
N LEU B 80 2.54 13.92 7.79
CA LEU B 80 2.87 15.32 8.00
C LEU B 80 2.08 15.85 9.19
N THR B 81 2.82 16.31 10.21
CA THR B 81 2.18 16.72 11.45
C THR B 81 2.43 18.21 11.70
N GLY B 82 1.35 19.00 11.84
CA GLY B 82 1.52 20.40 12.20
C GLY B 82 1.92 20.59 13.67
N VAL B 83 2.85 21.52 13.91
CA VAL B 83 3.26 21.77 15.30
CA VAL B 83 3.42 21.77 15.23
C VAL B 83 3.27 23.25 15.66
N ALA B 84 3.30 24.15 14.68
CA ALA B 84 3.29 25.58 15.02
C ALA B 84 2.53 26.43 14.01
N GLY B 85 2.07 27.60 14.44
CA GLY B 85 1.49 28.58 13.52
C GLY B 85 0.22 28.11 12.84
N THR B 86 0.08 28.50 11.58
CA THR B 86 -1.10 28.16 10.80
C THR B 86 -1.33 26.65 10.66
N MET B 87 -0.26 25.87 10.68
CA MET B 87 -0.42 24.41 10.69
C MET B 87 -1.26 23.89 11.87
N THR B 88 -1.39 24.69 12.95
CA THR B 88 -2.19 24.28 14.10
C THR B 88 -3.55 24.95 14.15
N ASN B 89 -3.84 25.79 13.15
CA ASN B 89 -5.07 26.56 13.07
C ASN B 89 -5.23 27.00 11.62
N MET B 90 -5.66 26.07 10.78
CA MET B 90 -5.48 26.20 9.34
C MET B 90 -6.26 27.36 8.75
N ALA B 91 -5.66 27.99 7.75
CA ALA B 91 -6.30 29.09 7.04
C ALA B 91 -6.97 28.68 5.72
N GLU B 92 -6.56 27.53 5.19
CA GLU B 92 -7.08 27.04 3.93
C GLU B 92 -7.57 25.61 4.11
N THR B 93 -8.32 25.11 3.14
CA THR B 93 -8.89 23.77 3.24
C THR B 93 -8.12 22.71 2.46
N SER B 94 -6.87 23.01 2.09
CA SER B 94 -5.98 21.99 1.53
C SER B 94 -4.56 22.48 1.72
N LEU B 95 -3.61 21.56 1.65
CA LEU B 95 -2.22 21.87 1.92
C LEU B 95 -1.46 21.05 0.89
N ALA B 96 -0.50 21.67 0.20
CA ALA B 96 0.27 20.92 -0.79
C ALA B 96 1.75 21.15 -0.56
N ILE B 97 2.55 20.09 -0.73
CA ILE B 97 3.99 20.26 -0.74
C ILE B 97 4.53 19.51 -1.94
N GLU B 98 5.74 19.83 -2.37
CA GLU B 98 6.28 19.19 -3.55
CA GLU B 98 6.29 19.17 -3.55
C GLU B 98 7.78 18.98 -3.42
N PHE B 99 8.26 17.87 -3.96
CA PHE B 99 9.69 17.61 -4.10
C PHE B 99 10.01 17.62 -5.58
N THR B 100 10.89 18.52 -6.04
CA THR B 100 11.23 18.53 -7.46
C THR B 100 12.68 18.13 -7.66
N PHE B 101 12.96 17.47 -8.77
CA PHE B 101 14.29 16.93 -9.07
C PHE B 101 14.65 17.31 -10.50
N ASP B 102 15.94 17.47 -10.79
CA ASP B 102 16.34 17.69 -12.17
C ASP B 102 16.38 16.38 -12.98
N ASP B 103 16.82 16.46 -14.24
N ASP B 103 16.81 16.48 -14.24
CA ASP B 103 16.74 15.31 -15.13
CA ASP B 103 16.80 15.35 -15.17
C ASP B 103 17.81 14.24 -14.85
C ASP B 103 17.75 14.22 -14.78
N THR B 104 18.66 14.51 -13.86
CA THR B 104 19.60 13.51 -13.36
C THR B 104 19.12 12.90 -12.04
N GLY B 105 18.00 13.37 -11.51
CA GLY B 105 17.49 12.88 -10.24
C GLY B 105 17.97 13.63 -9.00
N LYS B 106 18.66 14.75 -9.22
CA LYS B 106 19.15 15.61 -8.14
C LYS B 106 18.03 16.47 -7.57
N LEU B 107 17.87 16.48 -6.25
CA LEU B 107 16.83 17.32 -5.63
C LEU B 107 17.04 18.82 -5.88
N LEU B 108 15.99 19.50 -6.32
CA LEU B 108 16.02 20.92 -6.58
C LEU B 108 15.28 21.72 -5.51
N HIS B 109 14.11 21.26 -5.12
CA HIS B 109 13.34 21.99 -4.11
C HIS B 109 12.52 21.05 -3.26
N SER B 110 12.37 21.38 -1.98
CA SER B 110 11.48 20.65 -1.09
C SER B 110 11.12 21.58 0.06
N PRO B 111 10.09 21.22 0.86
CA PRO B 111 9.70 22.06 2.01
C PRO B 111 10.55 21.80 3.26
N LEU B 112 11.56 20.93 3.17
CA LEU B 112 12.33 20.60 4.35
C LEU B 112 13.16 21.81 4.84
N VAL B 113 13.24 22.01 6.16
CA VAL B 113 13.98 23.15 6.71
C VAL B 113 15.45 23.09 6.32
N ASN B 114 16.01 21.90 6.40
CA ASN B 114 17.41 21.71 6.06
C ASN B 114 17.49 20.69 4.94
N ASN B 115 18.63 20.63 4.26
CA ASN B 115 18.78 19.68 3.18
C ASN B 115 18.93 18.26 3.73
N THR B 116 17.82 17.66 4.17
CA THR B 116 17.89 16.40 4.88
C THR B 116 17.37 15.19 4.07
N PHE B 117 16.79 15.42 2.89
CA PHE B 117 16.31 14.31 2.09
C PHE B 117 17.54 13.67 1.46
N SER B 118 17.83 12.45 1.88
CA SER B 118 19.16 11.87 1.67
C SER B 118 19.14 10.36 1.59
N ILE B 119 20.26 9.82 1.13
CA ILE B 119 20.49 8.39 1.13
C ILE B 119 20.63 7.92 2.58
N ARG B 120 19.95 6.85 2.95
CA ARG B 120 20.08 6.33 4.31
C ARG B 120 21.49 5.75 4.55
N GLN B 121 22.09 6.10 5.69
CA GLN B 121 23.49 5.73 5.97
C GLN B 121 23.76 4.23 6.05
N TYR B 131 25.60 5.19 -6.78
CA TYR B 131 24.15 5.23 -6.58
C TYR B 131 23.55 5.91 -7.81
N ASN B 132 22.41 5.39 -8.27
CA ASN B 132 21.73 5.91 -9.46
C ASN B 132 20.40 6.59 -9.09
N ALA B 133 20.36 7.93 -9.07
CA ALA B 133 19.16 8.64 -8.63
C ALA B 133 17.94 8.31 -9.48
N LEU B 134 18.16 8.04 -10.75
CA LEU B 134 17.05 7.75 -11.65
C LEU B 134 16.32 6.47 -11.28
N ALA B 135 16.98 5.59 -10.55
CA ALA B 135 16.33 4.38 -10.08
C ALA B 135 15.24 4.69 -9.05
N PHE B 136 15.18 5.92 -8.57
CA PHE B 136 14.14 6.37 -7.62
C PHE B 136 13.13 7.35 -8.21
N MET B 137 13.32 7.75 -9.46
CA MET B 137 12.46 8.78 -10.05
C MET B 137 11.25 8.12 -10.67
N PRO B 138 10.11 8.80 -10.65
CA PRO B 138 8.91 8.21 -11.27
C PRO B 138 9.11 8.12 -12.78
N ASN B 139 8.68 7.01 -13.33
CA ASN B 139 8.86 6.71 -14.74
C ASN B 139 8.20 7.79 -15.62
N SER B 140 8.97 8.38 -16.55
CA SER B 140 8.46 9.52 -17.34
C SER B 140 7.72 9.11 -18.61
N THR B 141 7.72 7.82 -18.91
CA THR B 141 6.90 7.27 -20.00
C THR B 141 5.48 7.02 -19.47
N LEU B 142 5.37 6.35 -18.34
CA LEU B 142 4.05 6.11 -17.76
C LEU B 142 3.44 7.37 -17.15
N TYR B 143 4.27 8.13 -16.45
CA TYR B 143 3.82 9.34 -15.78
C TYR B 143 4.42 10.49 -16.54
N ALA B 144 3.72 10.94 -17.58
CA ALA B 144 4.31 11.94 -18.48
C ALA B 144 4.52 13.27 -17.73
N ARG B 145 5.60 13.95 -18.08
CA ARG B 145 5.90 15.25 -17.48
C ARG B 145 4.83 16.28 -17.76
N GLY B 146 4.54 17.08 -16.75
CA GLY B 146 3.47 18.04 -16.86
C GLY B 146 2.14 17.32 -16.73
N GLY B 147 2.15 16.12 -16.13
CA GLY B 147 0.99 15.27 -16.06
C GLY B 147 0.14 15.33 -14.79
N SER B 148 0.08 16.50 -14.15
CA SER B 148 -0.66 16.64 -12.90
CA SER B 148 -0.66 16.62 -12.90
C SER B 148 -2.12 16.22 -13.07
N GLY B 149 -2.69 16.55 -14.24
CA GLY B 149 -4.07 16.23 -14.54
C GLY B 149 -4.38 14.84 -15.09
N GLU B 150 -3.38 14.04 -15.41
CA GLU B 150 -3.67 12.77 -16.04
CA GLU B 150 -3.60 12.73 -16.05
C GLU B 150 -3.86 11.69 -14.98
N PRO B 151 -4.96 10.91 -15.12
CA PRO B 151 -5.30 10.05 -13.98
C PRO B 151 -4.18 9.13 -13.59
N ARG B 152 -3.46 8.55 -14.56
CA ARG B 152 -2.47 7.57 -14.18
C ARG B 152 -1.25 8.17 -13.50
N ASN B 153 -1.11 9.51 -13.54
CA ASN B 153 -0.05 10.18 -12.78
C ASN B 153 -0.44 10.41 -11.33
N ASN B 154 -1.68 10.07 -10.95
CA ASN B 154 -2.14 10.39 -9.59
C ASN B 154 -2.49 9.12 -8.82
N TYR B 155 -2.13 9.13 -7.55
CA TYR B 155 -2.33 8.01 -6.65
C TYR B 155 -3.09 8.57 -5.43
N TYR B 156 -4.26 8.00 -5.15
CA TYR B 156 -5.14 8.56 -4.10
C TYR B 156 -5.11 7.72 -2.84
N VAL B 157 -5.10 8.40 -1.69
CA VAL B 157 -5.10 7.69 -0.40
C VAL B 157 -6.18 8.26 0.46
N GLN B 158 -6.95 7.40 1.15
CA GLN B 158 -7.94 7.88 2.09
CA GLN B 158 -7.93 7.87 2.10
C GLN B 158 -7.34 7.78 3.48
N THR B 159 -7.48 8.85 4.26
CA THR B 159 -7.04 8.83 5.64
C THR B 159 -7.94 9.73 6.46
N TYR B 160 -7.53 10.02 7.68
CA TYR B 160 -8.35 10.82 8.60
C TYR B 160 -7.52 11.93 9.18
N LEU B 161 -8.03 13.16 9.10
CA LEU B 161 -7.34 14.30 9.69
C LEU B 161 -7.16 14.11 11.21
N ARG B 162 -5.90 14.16 11.66
CA ARG B 162 -5.54 13.95 13.06
C ARG B 162 -5.99 12.58 13.58
N GLY B 163 -6.19 11.64 12.66
CA GLY B 163 -6.72 10.35 13.04
C GLY B 163 -8.16 10.38 13.56
N ASN B 164 -8.87 11.46 13.31
CA ASN B 164 -10.23 11.60 13.82
C ASN B 164 -11.24 11.07 12.82
N VAL B 165 -12.02 10.08 13.24
CA VAL B 165 -12.92 9.36 12.34
C VAL B 165 -14.06 10.23 11.78
N GLN B 166 -14.30 11.38 12.42
CA GLN B 166 -15.22 12.37 11.87
C GLN B 166 -14.58 13.30 10.83
N ARG B 167 -13.32 13.07 10.49
CA ARG B 167 -12.62 13.93 9.56
C ARG B 167 -11.96 13.12 8.44
N PRO B 168 -12.74 12.37 7.66
CA PRO B 168 -12.07 11.71 6.53
C PRO B 168 -11.47 12.74 5.56
N ILE B 169 -10.25 12.48 5.07
CA ILE B 169 -9.60 13.36 4.09
C ILE B 169 -8.96 12.54 3.00
N THR B 170 -8.64 13.21 1.88
N THR B 170 -8.55 13.22 1.92
CA THR B 170 -7.94 12.51 0.82
CA THR B 170 -7.96 12.55 0.77
C THR B 170 -6.53 13.10 0.72
C THR B 170 -6.57 13.10 0.49
N LEU B 171 -5.57 12.21 0.44
CA LEU B 171 -4.22 12.59 0.03
C LEU B 171 -4.11 12.23 -1.45
N THR B 172 -3.68 13.17 -2.26
CA THR B 172 -3.39 12.92 -3.67
C THR B 172 -1.89 13.02 -3.83
N VAL B 173 -1.26 11.94 -4.26
CA VAL B 173 0.17 11.95 -4.58
C VAL B 173 0.27 12.01 -6.10
N THR B 174 1.04 12.96 -6.63
CA THR B 174 1.12 13.12 -8.08
C THR B 174 2.55 12.91 -8.55
N PHE B 175 2.70 12.16 -9.62
CA PHE B 175 4.03 11.90 -10.18
C PHE B 175 4.28 12.79 -11.38
N ASN B 176 5.44 13.45 -11.36
CA ASN B 176 5.91 14.21 -12.51
C ASN B 176 4.99 15.34 -13.01
N SER B 177 4.40 16.06 -12.08
CA SER B 177 3.65 17.25 -12.40
CA SER B 177 3.65 17.25 -12.43
C SER B 177 4.58 18.30 -13.04
N ALA B 178 5.83 18.31 -12.61
CA ALA B 178 6.80 19.28 -13.16
C ALA B 178 6.99 19.14 -14.67
N ALA B 179 7.13 20.27 -15.36
CA ALA B 179 7.25 20.27 -16.80
C ALA B 179 8.60 19.69 -17.26
N THR B 180 9.60 19.82 -16.42
CA THR B 180 10.90 19.21 -16.70
C THR B 180 11.36 18.43 -15.48
N GLY B 181 12.36 17.57 -15.66
CA GLY B 181 12.88 16.77 -14.57
C GLY B 181 11.81 15.83 -14.05
N TYR B 182 11.82 15.61 -12.74
CA TYR B 182 10.88 14.71 -12.09
C TYR B 182 10.30 15.37 -10.85
N SER B 183 9.16 14.88 -10.38
CA SER B 183 8.60 15.42 -9.15
C SER B 183 7.68 14.45 -8.40
N LEU B 184 7.56 14.68 -7.10
CA LEU B 184 6.56 14.02 -6.27
C LEU B 184 5.83 15.12 -5.55
N SER B 185 4.51 15.16 -5.72
CA SER B 185 3.68 16.21 -5.12
C SER B 185 2.68 15.56 -4.17
N PHE B 186 2.39 16.21 -3.07
CA PHE B 186 1.44 15.69 -2.08
C PHE B 186 0.43 16.79 -1.78
N LYS B 187 -0.87 16.48 -1.86
CA LYS B 187 -1.92 17.44 -1.50
C LYS B 187 -2.95 16.75 -0.61
N TRP B 188 -3.18 17.31 0.58
CA TRP B 188 -4.16 16.77 1.51
C TRP B 188 -5.29 17.75 1.69
N THR B 189 -6.52 17.24 1.87
CA THR B 189 -7.63 18.08 2.35
C THR B 189 -7.36 18.49 3.77
N ALA B 190 -7.93 19.62 4.17
CA ALA B 190 -7.80 20.12 5.53
C ALA B 190 -9.08 20.84 5.95
N VAL B 191 -9.15 21.17 7.24
CA VAL B 191 -10.30 21.88 7.79
C VAL B 191 -9.86 23.21 8.41
N VAL B 192 -10.49 24.31 8.02
CA VAL B 192 -10.07 25.60 8.55
C VAL B 192 -10.32 25.68 10.03
N ARG B 193 -9.44 26.41 10.71
CA ARG B 193 -9.56 26.69 12.14
C ARG B 193 -9.36 25.44 12.96
N GLU B 194 -8.76 24.41 12.36
CA GLU B 194 -8.37 23.21 13.09
C GLU B 194 -6.91 22.91 12.79
N LYS B 195 -6.28 22.15 13.68
CA LYS B 195 -4.92 21.68 13.44
C LYS B 195 -4.84 20.70 12.26
N PHE B 196 -3.74 20.78 11.51
CA PHE B 196 -3.48 19.82 10.46
C PHE B 196 -2.52 18.74 10.93
N ALA B 197 -2.93 17.48 10.77
CA ALA B 197 -2.01 16.36 10.90
C ALA B 197 -2.53 15.23 10.03
N ALA B 198 -1.65 14.71 9.17
CA ALA B 198 -1.99 13.61 8.28
C ALA B 198 -1.27 12.39 8.80
N PRO B 199 -2.02 11.29 9.05
CA PRO B 199 -1.39 10.09 9.60
C PRO B 199 -0.45 9.39 8.64
N ALA B 200 0.13 8.30 9.14
CA ALA B 200 0.96 7.43 8.30
C ALA B 200 0.17 6.94 7.08
N THR B 201 0.77 7.06 5.89
CA THR B 201 0.16 6.60 4.65
C THR B 201 1.27 6.00 3.78
N SER B 202 0.88 5.34 2.69
CA SER B 202 1.88 4.83 1.76
CA SER B 202 1.91 4.89 1.75
C SER B 202 1.38 4.89 0.33
N PHE B 203 2.30 4.74 -0.61
CA PHE B 203 1.97 4.74 -2.04
C PHE B 203 3.09 4.00 -2.76
N CYS B 204 2.89 3.78 -4.06
CA CYS B 204 3.81 2.97 -4.84
CA CYS B 204 3.88 3.04 -4.83
C CYS B 204 3.85 3.52 -6.26
N TYR B 205 5.03 3.63 -6.86
CA TYR B 205 5.10 3.98 -8.28
C TYR B 205 6.21 3.23 -9.00
N ILE B 206 6.08 3.17 -10.32
CA ILE B 206 7.11 2.55 -11.17
C ILE B 206 8.20 3.56 -11.45
N THR B 207 9.44 3.09 -11.41
CA THR B 207 10.60 3.96 -11.55
C THR B 207 11.10 4.12 -12.99
N GLU B 208 11.88 5.18 -13.17
CA GLU B 208 12.47 5.49 -14.47
C GLU B 208 13.51 4.45 -14.88
N GLN B 209 14.37 4.07 -13.95
CA GLN B 209 15.38 3.04 -14.22
C GLN B 209 15.40 2.00 -13.12
N SER C 16 5.97 -23.01 14.79
CA SER C 16 6.10 -21.69 15.39
C SER C 16 5.02 -20.72 14.88
N GLY C 17 4.53 -19.85 15.77
CA GLY C 17 3.44 -18.96 15.42
C GLY C 17 3.88 -17.85 14.48
N ILE C 18 4.99 -17.21 14.82
CA ILE C 18 5.63 -16.27 13.90
C ILE C 18 6.96 -16.87 13.52
N GLU C 19 7.25 -16.94 12.22
CA GLU C 19 8.49 -17.55 11.77
CA GLU C 19 8.50 -17.55 11.78
C GLU C 19 9.27 -16.58 10.89
N GLY C 20 10.60 -16.66 10.94
CA GLY C 20 11.42 -15.79 10.12
C GLY C 20 12.06 -16.52 8.95
N ARG C 21 12.08 -15.90 7.76
CA ARG C 21 12.65 -16.55 6.57
CA ARG C 21 12.65 -16.55 6.56
C ARG C 21 13.73 -15.69 5.90
N PRO C 22 14.79 -16.34 5.38
CA PRO C 22 15.91 -15.66 4.72
C PRO C 22 15.56 -14.88 3.44
N TYR C 23 16.47 -13.98 3.03
CA TYR C 23 16.36 -13.24 1.77
C TYR C 23 16.26 -14.21 0.59
N GLY C 39 20.09 -11.73 7.39
CA GLY C 39 19.72 -12.69 6.38
C GLY C 39 18.21 -12.87 6.33
N ILE C 40 17.54 -12.52 7.42
CA ILE C 40 16.08 -12.65 7.51
C ILE C 40 15.36 -11.49 6.84
N GLN C 41 14.46 -11.80 5.89
CA GLN C 41 13.79 -10.74 5.15
C GLN C 41 12.28 -10.79 5.36
N THR C 42 11.76 -11.90 5.87
CA THR C 42 10.32 -12.07 6.05
C THR C 42 10.05 -12.57 7.46
N LEU C 43 9.13 -11.91 8.16
CA LEU C 43 8.55 -12.47 9.38
C LEU C 43 7.08 -12.68 9.11
N TRP C 44 6.56 -13.87 9.37
CA TRP C 44 5.16 -14.12 9.06
C TRP C 44 4.52 -15.15 9.94
N THR C 45 3.19 -15.16 9.90
CA THR C 45 2.44 -16.31 10.32
C THR C 45 2.42 -17.23 9.12
N PRO C 46 2.89 -18.47 9.29
CA PRO C 46 2.92 -19.35 8.10
C PRO C 46 1.50 -19.54 7.54
N PRO C 47 1.37 -19.59 6.22
CA PRO C 47 0.04 -19.82 5.61
C PRO C 47 -0.63 -21.07 6.18
N THR C 48 -1.93 -20.97 6.40
CA THR C 48 -2.66 -22.07 7.02
C THR C 48 -4.06 -22.08 6.43
N SER C 49 -4.68 -23.26 6.44
CA SER C 49 -6.08 -23.42 6.07
C SER C 49 -6.92 -23.52 7.32
N ASN C 50 -6.27 -23.60 8.48
CA ASN C 50 -6.99 -23.82 9.74
C ASN C 50 -6.85 -22.64 10.65
N PRO C 51 -7.77 -22.50 11.60
CA PRO C 51 -7.59 -21.37 12.51
C PRO C 51 -6.25 -21.45 13.25
N ASN C 52 -5.64 -20.29 13.50
CA ASN C 52 -4.32 -20.22 14.10
C ASN C 52 -4.26 -19.11 15.14
N CYS C 53 -5.43 -18.59 15.49
CA CYS C 53 -5.50 -17.34 16.24
C CYS C 53 -6.66 -17.42 17.24
N THR C 54 -6.47 -16.76 18.38
CA THR C 54 -7.45 -16.79 19.44
C THR C 54 -7.80 -15.34 19.75
N VAL C 55 -8.98 -14.89 19.34
CA VAL C 55 -9.39 -13.52 19.65
C VAL C 55 -10.23 -13.56 20.92
N TYR C 56 -11.27 -14.39 20.91
CA TYR C 56 -12.16 -14.50 22.08
C TYR C 56 -12.07 -15.87 22.73
N THR C 57 -12.04 -16.92 21.91
CA THR C 57 -11.90 -18.28 22.39
C THR C 57 -10.85 -18.98 21.54
N GLU C 58 -10.30 -20.07 22.05
CA GLU C 58 -9.16 -20.69 21.39
C GLU C 58 -9.45 -21.14 19.95
N SER C 59 -8.54 -20.76 19.05
CA SER C 59 -8.60 -21.16 17.65
C SER C 59 -9.91 -20.74 17.01
N ASP C 60 -10.33 -19.51 17.28
CA ASP C 60 -11.60 -19.03 16.75
C ASP C 60 -11.47 -18.28 15.42
N SER C 61 -10.24 -18.12 14.94
CA SER C 61 -10.02 -17.25 13.79
C SER C 61 -8.73 -17.62 13.04
N LEU C 62 -8.65 -17.15 11.80
CA LEU C 62 -7.49 -17.40 10.93
C LEU C 62 -6.87 -16.05 10.61
N LEU C 63 -5.68 -15.83 11.17
CA LEU C 63 -4.93 -14.61 10.94
C LEU C 63 -3.84 -14.81 9.93
N SER C 64 -3.71 -13.92 8.97
CA SER C 64 -2.48 -13.84 8.18
C SER C 64 -1.81 -12.52 8.51
N LEU C 65 -0.53 -12.56 8.87
CA LEU C 65 0.30 -11.36 9.08
C LEU C 65 1.67 -11.65 8.49
N CYS C 66 2.11 -10.80 7.57
CA CYS C 66 3.40 -10.99 6.96
C CYS C 66 4.11 -9.64 6.88
N LEU C 67 5.37 -9.63 7.32
CA LEU C 67 6.18 -8.42 7.35
C LEU C 67 7.43 -8.67 6.52
N THR C 68 7.63 -7.89 5.47
CA THR C 68 8.85 -8.12 4.66
C THR C 68 9.67 -6.85 4.63
N LYS C 69 10.99 -6.99 4.76
CA LYS C 69 11.86 -5.83 4.81
C LYS C 69 12.27 -5.32 3.44
N CYS C 70 12.08 -4.03 3.21
CA CYS C 70 12.54 -3.42 1.97
C CYS C 70 13.24 -2.15 2.35
N GLY C 71 14.57 -2.20 2.48
CA GLY C 71 15.31 -1.05 2.97
C GLY C 71 14.83 -0.64 4.35
N ALA C 72 14.60 0.67 4.52
CA ALA C 72 14.12 1.19 5.79
C ALA C 72 12.65 0.91 6.03
N HIS C 73 11.97 0.25 5.10
CA HIS C 73 10.55 -0.04 5.30
C HIS C 73 10.29 -1.50 5.66
N VAL C 74 9.23 -1.73 6.42
CA VAL C 74 8.56 -3.01 6.41
C VAL C 74 7.27 -2.86 5.61
N LEU C 75 7.09 -3.74 4.64
CA LEU C 75 5.82 -3.87 3.94
C LEU C 75 5.03 -4.96 4.66
N GLY C 76 3.83 -4.62 5.15
CA GLY C 76 3.04 -5.56 5.91
C GLY C 76 1.75 -5.91 5.20
N SER C 77 1.30 -7.15 5.38
CA SER C 77 -0.03 -7.50 4.92
C SER C 77 -0.74 -8.18 6.07
N VAL C 78 -2.06 -8.02 6.12
CA VAL C 78 -2.82 -8.62 7.21
C VAL C 78 -4.24 -8.95 6.73
N SER C 79 -4.81 -10.04 7.23
CA SER C 79 -6.25 -10.28 7.09
C SER C 79 -6.66 -11.14 8.26
N LEU C 80 -7.96 -11.13 8.58
CA LEU C 80 -8.41 -11.90 9.74
C LEU C 80 -9.81 -12.44 9.47
N THR C 81 -9.94 -13.75 9.51
CA THR C 81 -11.18 -14.43 9.16
C THR C 81 -11.73 -15.14 10.41
N GLY C 82 -12.94 -14.78 10.82
CA GLY C 82 -13.60 -15.46 11.94
C GLY C 82 -14.04 -16.85 11.54
N VAL C 83 -13.88 -17.82 12.43
N VAL C 83 -13.88 -17.80 12.46
CA VAL C 83 -14.29 -19.19 12.13
CA VAL C 83 -14.13 -19.22 12.19
C VAL C 83 -15.29 -19.72 13.15
C VAL C 83 -15.11 -19.85 13.19
N ALA C 84 -15.13 -19.36 14.42
CA ALA C 84 -16.00 -19.93 15.46
C ALA C 84 -16.35 -18.95 16.57
N GLY C 85 -17.43 -19.26 17.28
CA GLY C 85 -17.82 -18.51 18.47
C GLY C 85 -18.24 -17.09 18.15
N THR C 86 -17.86 -16.17 19.03
CA THR C 86 -18.20 -14.76 18.88
C THR C 86 -17.73 -14.15 17.56
N MET C 87 -16.61 -14.65 17.02
CA MET C 87 -16.13 -14.21 15.70
C MET C 87 -17.14 -14.41 14.58
N THR C 88 -18.14 -15.27 14.78
CA THR C 88 -19.16 -15.49 13.75
C THR C 88 -20.48 -14.82 14.13
N ASN C 89 -20.47 -14.08 15.23
CA ASN C 89 -21.67 -13.44 15.75
C ASN C 89 -21.27 -12.37 16.74
N MET C 90 -20.75 -11.24 16.22
CA MET C 90 -20.03 -10.29 17.05
C MET C 90 -20.86 -9.62 18.11
N ALA C 91 -20.25 -9.37 19.27
CA ALA C 91 -20.93 -8.67 20.34
C ALA C 91 -20.54 -7.19 20.41
N GLU C 92 -19.40 -6.84 19.83
CA GLU C 92 -18.87 -5.47 19.90
C GLU C 92 -18.69 -4.90 18.50
N THR C 93 -18.51 -3.58 18.45
CA THR C 93 -18.39 -2.88 17.18
C THR C 93 -16.94 -2.67 16.78
N SER C 94 -16.00 -3.34 17.45
CA SER C 94 -14.62 -3.33 17.00
C SER C 94 -13.91 -4.52 17.61
N LEU C 95 -12.77 -4.84 17.02
CA LEU C 95 -11.98 -5.98 17.45
C LEU C 95 -10.53 -5.51 17.34
N ALA C 96 -9.72 -5.76 18.36
CA ALA C 96 -8.34 -5.33 18.31
C ALA C 96 -7.43 -6.45 18.75
N ILE C 97 -6.29 -6.57 18.08
CA ILE C 97 -5.24 -7.50 18.53
C ILE C 97 -3.92 -6.80 18.48
N GLU C 98 -2.91 -7.32 19.19
N GLU C 98 -2.92 -7.32 19.21
CA GLU C 98 -1.62 -6.65 19.25
CA GLU C 98 -1.62 -6.64 19.23
C GLU C 98 -0.49 -7.68 19.24
C GLU C 98 -0.46 -7.62 19.31
N PHE C 99 0.61 -7.32 18.58
CA PHE C 99 1.85 -8.08 18.68
C PHE C 99 2.80 -7.16 19.44
N THR C 100 3.31 -7.64 20.57
CA THR C 100 4.12 -6.82 21.43
CA THR C 100 4.15 -6.82 21.42
C THR C 100 5.52 -7.45 21.52
N PHE C 101 6.55 -6.61 21.49
CA PHE C 101 7.94 -7.07 21.50
C PHE C 101 8.70 -6.31 22.57
N ASP C 102 9.74 -6.92 23.12
CA ASP C 102 10.58 -6.18 24.06
C ASP C 102 11.54 -5.25 23.32
N ASP C 103 12.42 -4.58 24.07
CA ASP C 103 13.28 -3.57 23.45
CA ASP C 103 13.32 -3.58 23.49
C ASP C 103 14.41 -4.17 22.61
N THR C 104 14.51 -5.50 22.58
CA THR C 104 15.46 -6.16 21.70
C THR C 104 14.76 -6.68 20.45
N GLY C 105 13.44 -6.51 20.39
CA GLY C 105 12.68 -6.98 19.25
C GLY C 105 12.16 -8.40 19.39
N LYS C 106 12.32 -8.99 20.58
CA LYS C 106 11.82 -10.36 20.85
C LYS C 106 10.31 -10.36 21.13
N LEU C 107 9.58 -11.27 20.50
CA LEU C 107 8.14 -11.35 20.71
C LEU C 107 7.80 -11.68 22.16
N LEU C 108 6.90 -10.87 22.74
CA LEU C 108 6.46 -11.07 24.11
C LEU C 108 5.07 -11.67 24.10
N HIS C 109 4.21 -11.13 23.26
CA HIS C 109 2.88 -11.68 23.20
C HIS C 109 2.22 -11.45 21.87
N SER C 110 1.31 -12.36 21.52
CA SER C 110 0.48 -12.23 20.32
C SER C 110 -0.79 -13.06 20.53
N PRO C 111 -1.80 -12.88 19.68
CA PRO C 111 -3.02 -13.68 19.82
C PRO C 111 -2.91 -15.07 19.17
N LEU C 112 -1.74 -15.39 18.66
CA LEU C 112 -1.58 -16.65 17.94
C LEU C 112 -1.69 -17.85 18.88
N VAL C 113 -2.31 -18.92 18.39
CA VAL C 113 -2.41 -20.15 19.19
C VAL C 113 -1.01 -20.65 19.50
N ASN C 114 -0.12 -20.57 18.52
CA ASN C 114 1.27 -20.94 18.76
C ASN C 114 2.03 -19.65 19.10
N ASN C 115 2.02 -19.26 20.37
CA ASN C 115 2.71 -18.05 20.81
C ASN C 115 4.23 -18.20 20.90
N THR C 116 4.87 -18.41 19.75
CA THR C 116 6.31 -18.65 19.71
C THR C 116 6.96 -17.96 18.50
N PHE C 117 8.28 -18.10 18.42
CA PHE C 117 9.10 -17.44 17.40
C PHE C 117 10.36 -18.23 17.06
N SER C 118 10.60 -18.46 15.76
CA SER C 118 11.77 -19.24 15.35
C SER C 118 12.22 -18.83 13.94
N TYR C 131 20.06 -12.65 11.82
CA TYR C 131 18.79 -12.02 12.15
C TYR C 131 18.94 -10.86 13.12
N ASN C 132 18.52 -9.68 12.69
CA ASN C 132 18.44 -8.51 13.56
C ASN C 132 16.96 -8.15 13.69
N ALA C 133 16.35 -8.48 14.83
CA ALA C 133 14.91 -8.25 15.02
C ALA C 133 14.54 -6.77 14.95
N LEU C 134 15.48 -5.91 15.36
CA LEU C 134 15.20 -4.48 15.33
C LEU C 134 15.01 -3.97 13.90
N ALA C 135 15.50 -4.72 12.93
CA ALA C 135 15.33 -4.34 11.53
C ALA C 135 13.87 -4.44 11.10
N PHE C 136 13.03 -5.08 11.93
CA PHE C 136 11.61 -5.24 11.68
C PHE C 136 10.72 -4.43 12.63
N MET C 137 11.32 -3.76 13.61
CA MET C 137 10.53 -3.07 14.61
C MET C 137 10.23 -1.67 14.09
N PRO C 138 9.05 -1.13 14.45
CA PRO C 138 8.74 0.24 14.01
C PRO C 138 9.67 1.24 14.68
N ASN C 139 10.13 2.19 13.91
CA ASN C 139 11.09 3.18 14.38
C ASN C 139 10.55 3.94 15.60
N SER C 140 11.30 3.94 16.71
CA SER C 140 10.78 4.54 17.94
C SER C 140 11.05 6.05 18.08
N THR C 141 11.81 6.62 17.15
CA THR C 141 11.96 8.07 17.09
C THR C 141 10.73 8.67 16.41
N LEU C 142 10.38 8.11 15.26
CA LEU C 142 9.23 8.59 14.52
C LEU C 142 7.90 8.15 15.16
N TYR C 143 7.81 6.88 15.56
CA TYR C 143 6.58 6.38 16.20
C TYR C 143 6.92 6.19 17.69
N ALA C 144 6.73 7.25 18.46
CA ALA C 144 7.17 7.24 19.86
C ALA C 144 6.42 6.19 20.68
N ARG C 145 7.11 5.56 21.63
CA ARG C 145 6.47 4.58 22.49
C ARG C 145 5.35 5.24 23.29
N GLY C 146 4.24 4.53 23.39
CA GLY C 146 3.05 5.05 24.06
C GLY C 146 2.35 6.11 23.23
N GLY C 147 2.65 6.16 21.93
CA GLY C 147 2.11 7.22 21.09
C GLY C 147 0.87 6.86 20.27
N SER C 148 0.01 5.99 20.77
CA SER C 148 -1.19 5.64 20.01
C SER C 148 -2.08 6.85 19.74
N GLY C 149 -1.98 7.87 20.57
CA GLY C 149 -2.76 9.08 20.36
C GLY C 149 -2.18 10.03 19.31
N GLU C 150 -1.00 9.72 18.81
N GLU C 150 -0.97 9.75 18.83
CA GLU C 150 -0.36 10.56 17.82
CA GLU C 150 -0.32 10.62 17.84
C GLU C 150 -0.76 10.13 16.43
C GLU C 150 -0.69 10.17 16.43
N PRO C 151 -1.23 11.08 15.61
CA PRO C 151 -1.67 10.69 14.27
C PRO C 151 -0.60 9.93 13.47
N ARG C 152 0.67 10.35 13.55
CA ARG C 152 1.67 9.70 12.70
C ARG C 152 2.01 8.28 13.14
N ASN C 153 1.56 7.86 14.31
CA ASN C 153 1.75 6.46 14.74
C ASN C 153 0.63 5.54 14.21
N ASN C 154 -0.31 6.11 13.47
CA ASN C 154 -1.46 5.33 13.03
C ASN C 154 -1.60 5.33 11.51
N TYR C 155 -1.94 4.17 10.96
CA TYR C 155 -2.06 3.96 9.52
C TYR C 155 -3.47 3.41 9.30
N TYR C 156 -4.29 4.09 8.50
CA TYR C 156 -5.71 3.73 8.34
C TYR C 156 -5.97 3.07 6.98
N VAL C 157 -6.78 2.01 7.01
CA VAL C 157 -7.12 1.30 5.79
C VAL C 157 -8.62 1.16 5.71
N GLN C 158 -9.19 1.50 4.57
CA GLN C 158 -10.60 1.22 4.33
CA GLN C 158 -10.60 1.24 4.29
C GLN C 158 -10.74 -0.14 3.69
N THR C 159 -11.63 -0.95 4.23
CA THR C 159 -11.94 -2.21 3.56
C THR C 159 -13.41 -2.53 3.81
N TYR C 160 -13.80 -3.77 3.53
CA TYR C 160 -15.22 -4.13 3.61
C TYR C 160 -15.36 -5.42 4.39
N LEU C 161 -16.24 -5.40 5.39
CA LEU C 161 -16.48 -6.58 6.20
C LEU C 161 -16.98 -7.77 5.35
N ARG C 162 -16.26 -8.89 5.45
CA ARG C 162 -16.55 -10.09 4.65
C ARG C 162 -16.55 -9.81 3.14
N GLY C 163 -15.88 -8.73 2.74
CA GLY C 163 -15.85 -8.38 1.33
C GLY C 163 -17.19 -7.92 0.81
N ASN C 164 -18.06 -7.46 1.70
CA ASN C 164 -19.37 -6.95 1.33
C ASN C 164 -19.35 -5.41 1.25
N VAL C 165 -19.60 -4.84 0.06
CA VAL C 165 -19.46 -3.39 -0.05
C VAL C 165 -20.54 -2.61 0.72
N GLN C 166 -21.59 -3.29 1.17
CA GLN C 166 -22.58 -2.68 2.05
CA GLN C 166 -22.55 -2.63 2.04
C GLN C 166 -22.11 -2.63 3.51
N ARG C 167 -20.88 -3.08 3.77
CA ARG C 167 -20.36 -3.13 5.13
C ARG C 167 -18.96 -2.50 5.19
N PRO C 168 -18.84 -1.22 4.87
CA PRO C 168 -17.53 -0.56 4.97
C PRO C 168 -17.03 -0.59 6.40
N ILE C 169 -15.76 -0.95 6.58
CA ILE C 169 -15.13 -0.92 7.89
C ILE C 169 -13.76 -0.27 7.76
N THR C 170 -13.19 0.10 8.91
N THR C 170 -13.16 0.09 8.89
CA THR C 170 -11.83 0.62 8.94
CA THR C 170 -11.82 0.69 8.88
C THR C 170 -10.91 -0.33 9.68
C THR C 170 -10.85 -0.09 9.76
N LEU C 171 -9.67 -0.38 9.21
CA LEU C 171 -8.62 -1.02 9.98
C LEU C 171 -7.68 0.12 10.41
N THR C 172 -7.39 0.18 11.70
CA THR C 172 -6.37 1.11 12.18
C THR C 172 -5.19 0.26 12.58
N VAL C 173 -4.05 0.49 11.94
CA VAL C 173 -2.80 -0.18 12.35
C VAL C 173 -2.03 0.84 13.19
N THR C 174 -1.58 0.47 14.39
CA THR C 174 -0.88 1.44 15.22
C THR C 174 0.52 0.96 15.50
N PHE C 175 1.47 1.87 15.40
CA PHE C 175 2.88 1.54 15.67
C PHE C 175 3.31 1.99 17.06
N ASN C 176 3.90 1.07 17.83
CA ASN C 176 4.46 1.37 19.14
C ASN C 176 3.51 1.96 20.16
N SER C 177 2.29 1.45 20.18
CA SER C 177 1.37 1.82 21.26
C SER C 177 1.94 1.44 22.65
N ALA C 178 2.70 0.35 22.68
CA ALA C 178 3.29 -0.13 23.93
C ALA C 178 4.18 0.94 24.53
N ALA C 179 4.12 1.08 25.85
CA ALA C 179 4.89 2.10 26.57
C ALA C 179 6.36 1.75 26.62
N THR C 180 6.70 0.47 26.51
CA THR C 180 8.09 0.02 26.39
C THR C 180 8.20 -1.00 25.25
N GLY C 181 9.43 -1.23 24.80
CA GLY C 181 9.64 -2.12 23.68
C GLY C 181 8.95 -1.61 22.42
N TYR C 182 8.39 -2.52 21.63
CA TYR C 182 7.78 -2.20 20.34
C TYR C 182 6.45 -2.91 20.18
N SER C 183 5.58 -2.40 19.33
CA SER C 183 4.35 -3.11 19.08
C SER C 183 3.71 -2.79 17.75
N LEU C 184 2.88 -3.71 17.29
CA LEU C 184 2.02 -3.50 16.14
C LEU C 184 0.61 -3.83 16.59
N SER C 185 -0.32 -2.88 16.46
CA SER C 185 -1.71 -3.08 16.90
C SER C 185 -2.62 -3.00 15.68
N PHE C 186 -3.66 -3.84 15.67
CA PHE C 186 -4.62 -3.87 14.57
C PHE C 186 -6.00 -3.77 15.18
N LYS C 187 -6.78 -2.76 14.77
CA LYS C 187 -8.14 -2.62 15.29
C LYS C 187 -9.04 -2.48 14.08
N TRP C 188 -10.04 -3.35 13.98
CA TRP C 188 -11.01 -3.26 12.88
C TRP C 188 -12.36 -2.91 13.47
N THR C 189 -13.12 -2.08 12.78
CA THR C 189 -14.52 -1.93 13.14
C THR C 189 -15.29 -3.17 12.68
N ALA C 190 -16.44 -3.40 13.30
CA ALA C 190 -17.20 -4.61 13.03
C ALA C 190 -18.67 -4.32 13.15
N VAL C 191 -19.49 -5.28 12.75
CA VAL C 191 -20.93 -5.13 12.87
C VAL C 191 -21.47 -6.16 13.86
N VAL C 192 -22.21 -5.70 14.87
CA VAL C 192 -22.78 -6.59 15.88
CA VAL C 192 -22.75 -6.61 15.86
C VAL C 192 -23.78 -7.58 15.28
N ARG C 193 -23.75 -8.82 15.77
CA ARG C 193 -24.66 -9.87 15.34
C ARG C 193 -24.42 -10.32 13.90
N GLU C 194 -23.23 -10.04 13.38
CA GLU C 194 -22.81 -10.58 12.10
C GLU C 194 -21.43 -11.21 12.26
N LYS C 195 -21.08 -12.09 11.35
CA LYS C 195 -19.75 -12.70 11.32
C LYS C 195 -18.65 -11.66 11.01
N PHE C 196 -17.50 -11.83 11.65
CA PHE C 196 -16.36 -10.97 11.33
C PHE C 196 -15.39 -11.63 10.35
N ALA C 197 -15.05 -10.89 9.29
CA ALA C 197 -13.92 -11.26 8.44
C ALA C 197 -13.40 -9.99 7.78
N ALA C 198 -12.08 -9.77 7.87
CA ALA C 198 -11.49 -8.60 7.24
C ALA C 198 -10.64 -9.10 6.09
N PRO C 199 -10.85 -8.56 4.89
CA PRO C 199 -10.14 -9.02 3.70
C PRO C 199 -8.66 -8.71 3.72
N ALA C 200 -7.99 -9.13 2.65
CA ALA C 200 -6.59 -8.79 2.46
C ALA C 200 -6.37 -7.27 2.49
N THR C 201 -5.39 -6.82 3.25
CA THR C 201 -5.02 -5.40 3.34
C THR C 201 -3.51 -5.31 3.45
N SER C 202 -2.99 -4.09 3.37
CA SER C 202 -1.55 -3.88 3.50
CA SER C 202 -1.56 -3.92 3.58
C SER C 202 -1.25 -2.53 4.14
N PHE C 203 -0.02 -2.38 4.62
CA PHE C 203 0.39 -1.15 5.25
C PHE C 203 1.92 -1.13 5.22
N CYS C 204 2.53 -0.05 5.65
CA CYS C 204 3.97 0.10 5.57
CA CYS C 204 3.97 -0.05 5.75
C CYS C 204 4.46 1.01 6.70
N TYR C 205 5.62 0.73 7.29
CA TYR C 205 6.18 1.62 8.30
C TYR C 205 7.69 1.65 8.19
N ILE C 206 8.28 2.69 8.74
CA ILE C 206 9.74 2.82 8.79
C ILE C 206 10.28 2.07 10.00
N THR C 207 11.41 1.39 9.79
CA THR C 207 11.94 0.53 10.83
C THR C 207 12.98 1.20 11.72
N GLU C 208 13.22 0.56 12.87
CA GLU C 208 14.17 1.03 13.87
C GLU C 208 15.61 0.89 13.35
N GLN C 209 15.92 -0.25 12.74
CA GLN C 209 17.26 -0.46 12.14
C GLN C 209 17.17 -0.97 10.71
C1 MNA D . -12.52 14.41 -15.14
C2 MNA D . -11.89 15.76 -14.98
C3 MNA D . -11.72 16.08 -13.49
C4 MNA D . -10.64 15.24 -12.83
C5 MNA D . -9.37 15.23 -13.66
C6 MNA D . -9.69 14.84 -15.10
C7 MNA D . -8.45 14.80 -15.96
C8 MNA D . -8.77 14.30 -17.36
C9 MNA D . -7.51 14.06 -18.17
C10 MNA D . -7.25 14.73 -12.59
C11 MNA D . -6.35 13.68 -12.04
C12 MNA D . -12.50 17.01 -16.93
N5 MNA D . -8.40 14.30 -13.10
O1A MNA D . -12.19 13.71 -16.13
O1B MNA D . -13.36 14.04 -14.29
O2 MNA D . -12.74 16.75 -15.57
O4 MNA D . -10.36 15.77 -11.53
O6 MNA D . -10.62 15.78 -15.63
O7 MNA D . -7.87 16.11 -16.04
O8 MNA D . -9.52 13.09 -17.27
O9 MNA D . -7.85 13.80 -19.53
O10 MNA D . -6.95 15.91 -12.58
C1 GOL E . 14.49 -14.00 -8.81
O1 GOL E . 13.60 -14.60 -9.71
C2 GOL E . 14.05 -14.36 -7.42
O2 GOL E . 13.61 -15.69 -7.44
C3 GOL E . 15.24 -14.32 -6.50
O3 GOL E . 15.00 -15.23 -5.45
C TAM F . -0.43 31.26 2.47
C1 TAM F . -1.14 32.06 3.55
C2 TAM F . 0.08 32.20 1.38
C3 TAM F . 0.71 30.45 3.06
C4 TAM F . -1.63 31.14 4.67
C5 TAM F . 0.69 31.41 0.22
C6 TAM F . 1.58 31.32 3.96
N TAM F . -1.39 30.33 1.87
O4 TAM F . -3.06 31.13 4.69
O5 TAM F . 2.08 31.71 0.12
O6 TAM F . 2.94 30.87 3.88
N GLU G . -1.04 17.28 -20.92
CA GLU G . 0.16 17.50 -20.13
C GLU G . 0.53 18.98 -20.08
O GLU G . -0.29 19.80 -20.62
CB GLU G . 1.32 16.69 -20.68
CG GLU G . 0.96 15.27 -21.08
CD GLU G . 0.23 14.53 -19.97
OE1 GLU G . -0.19 13.38 -20.21
OE2 GLU G . 0.09 15.10 -18.87
OXT GLU G . 1.62 19.30 -19.51
N ALA H . 19.23 14.81 -4.48
CA ALA H . 18.94 13.57 -3.79
C ALA H . 20.21 12.94 -3.22
O ALA H . 20.08 12.19 -2.19
CB ALA H . 18.24 12.58 -4.73
OXT ALA H . 21.31 13.21 -3.81
C1 MNA I . -21.46 -11.70 3.07
C2 MNA I . -21.74 -12.23 1.69
C3 MNA I . -21.56 -11.14 0.65
C4 MNA I . -20.10 -10.79 0.38
C5 MNA I . -19.29 -12.06 0.18
C6 MNA I . -19.50 -12.97 1.38
C7 MNA I . -18.64 -14.23 1.29
C8 MNA I . -19.00 -15.19 2.43
C9 MNA I . -17.90 -16.22 2.64
C10 MNA I . -17.20 -12.05 -1.07
C11 MNA I . -15.74 -11.71 -1.05
C12 MNA I . -23.40 -13.85 2.44
N5 MNA I . -17.88 -11.73 0.02
O1A MNA I . -20.88 -12.46 3.89
O1B MNA I . -21.80 -10.54 3.35
O2 MNA I . -23.09 -12.70 1.65
O4 MNA I . -20.01 -9.97 -0.79
O6 MNA I . -20.87 -13.35 1.42
O7 MNA I . -18.86 -14.88 0.03
O8 MNA I . -19.19 -14.44 3.63
O9 MNA I . -18.33 -17.16 3.63
O10 MNA I . -17.73 -12.57 -2.04
C1 MPD J . -5.78 -2.05 22.19
C2 MPD J . -6.47 -0.74 21.82
O2 MPD J . -7.38 -1.00 20.73
CM MPD J . -7.27 -0.20 23.01
C3 MPD J . -5.45 0.31 21.37
C4 MPD J . -4.79 0.01 20.01
O4 MPD J . -5.76 0.06 18.94
C5 MPD J . -3.67 1.01 19.74
C1 MRD K . 3.88 0.62 31.83
C2 MRD K . 5.32 0.93 32.21
O2 MRD K . 5.32 1.34 33.57
CM MRD K . 6.21 -0.30 32.09
C3 MRD K . 5.83 2.10 31.37
C4 MRD K . 7.32 2.40 31.49
O4 MRD K . 7.72 2.55 32.85
C5 MRD K . 7.64 3.69 30.73
#